data_1WBX
#
_entry.id   1WBX
#
_cell.length_a   56.759
_cell.length_b   56.759
_cell.length_c   275.996
_cell.angle_alpha   90.00
_cell.angle_beta   90.00
_cell.angle_gamma   90.00
#
_symmetry.space_group_name_H-M   'P 43 21 2'
#
loop_
_entity.id
_entity.type
_entity.pdbx_description
1 polymer 'H-2 CLASS I HISTOCOMPATIBILITY ANTIGEN, D-B ALPHA CHAIN'
2 polymer BETA-2MICROGLOBULIN
3 polymer 'INFLUENZA A PEPTIDE'
4 water water
#
loop_
_entity_poly.entity_id
_entity_poly.type
_entity_poly.pdbx_seq_one_letter_code
_entity_poly.pdbx_strand_id
1 'polypeptide(L)'
;GPHSMRYFETAVSRPGLEEPRYISVGYVDNKEFVRFDSDAENPRYEPRAPWMEQEGPEYWERETQKAKGQEQWFRVSLRN
LLGYYNQSAGGSHTLQQMSGCDLGSDWRLLRGYLQFAYEGRDYIALNEDLKTWTAADMAAQITRRKWEQSGAAEHYKAYL
EGECVEWLHRYLKNGNATLLRTDSPKAHVTHHPRSKGEVTLRCWALGFYPADITLTWQLNGEELTQDMELVETRPAGDGT
FQKWASVVVPLGKEQNYTCRVYHEGLPEPLTLRWEP
;
A
2 'polypeptide(L)'
;IQKTPQIQVYSRHPPENGKPNILNCYVTQFHPPHIEIQMLKNGKKIPKVEMSDMSFSKDWSFYILAHTEFTPTETDTYAC
RVKHDSMAEPKTVYWDRDM
;
B
3 'polypeptide(L)' SQLKNNAKEI C
#
# COMPACT_ATOMS: atom_id res chain seq x y z
N PRO A 2 5.93 10.11 16.77
CA PRO A 2 5.52 10.56 15.43
C PRO A 2 4.26 9.85 14.90
N HIS A 3 3.49 10.57 14.10
CA HIS A 3 2.15 10.18 13.70
C HIS A 3 1.81 10.96 12.43
N SER A 4 0.88 10.40 11.65
CA SER A 4 0.55 10.97 10.36
C SER A 4 -0.88 10.71 9.99
N MET A 5 -1.43 11.61 9.18
CA MET A 5 -2.68 11.41 8.48
C MET A 5 -2.44 11.67 7.00
N ARG A 6 -3.02 10.81 6.16
CA ARG A 6 -2.98 11.01 4.71
C ARG A 6 -4.23 10.60 4.02
N TYR A 7 -4.62 11.34 2.99
CA TYR A 7 -5.64 10.90 2.05
C TYR A 7 -4.97 10.67 0.73
N PHE A 8 -5.29 9.51 0.15
CA PHE A 8 -4.74 9.04 -1.10
C PHE A 8 -5.95 9.00 -2.04
N GLU A 9 -5.96 9.85 -3.08
CA GLU A 9 -7.07 9.95 -4.04
C GLU A 9 -6.69 9.57 -5.46
N THR A 10 -7.60 8.87 -6.13
CA THR A 10 -7.37 8.41 -7.51
C THR A 10 -8.64 8.64 -8.32
N ALA A 11 -8.48 9.29 -9.47
CA ALA A 11 -9.51 9.42 -10.47
C ALA A 11 -9.00 8.78 -11.74
N VAL A 12 -9.83 7.93 -12.32
CA VAL A 12 -9.52 7.18 -13.53
C VAL A 12 -10.64 7.48 -14.53
N SER A 13 -10.28 8.02 -15.69
CA SER A 13 -11.28 8.48 -16.67
C SER A 13 -11.82 7.28 -17.42
N ARG A 14 -13.11 7.35 -17.75
CA ARG A 14 -13.85 6.24 -18.36
C ARG A 14 -14.35 6.67 -19.75
N PRO A 15 -13.68 6.18 -20.81
CA PRO A 15 -13.91 6.68 -22.19
C PRO A 15 -15.37 6.66 -22.69
N GLY A 16 -15.88 7.84 -23.07
CA GLY A 16 -17.26 8.02 -23.51
C GLY A 16 -18.17 8.51 -22.40
N LEU A 17 -17.66 8.49 -21.16
CA LEU A 17 -18.47 8.76 -19.97
C LEU A 17 -18.06 10.10 -19.38
N GLU A 18 -19.03 10.79 -18.81
CA GLU A 18 -18.82 12.11 -18.24
C GLU A 18 -18.01 12.05 -16.93
N GLU A 19 -18.28 11.02 -16.12
CA GLU A 19 -17.70 10.91 -14.78
C GLU A 19 -16.58 9.89 -14.69
N PRO A 20 -15.47 10.25 -14.05
CA PRO A 20 -14.42 9.27 -13.82
C PRO A 20 -14.83 8.36 -12.70
N ARG A 21 -14.07 7.30 -12.49
CA ARG A 21 -14.16 6.60 -11.23
C ARG A 21 -13.17 7.26 -10.26
N TYR A 22 -13.70 7.59 -9.09
CA TYR A 22 -12.93 8.28 -8.05
C TYR A 22 -12.95 7.48 -6.76
N ILE A 23 -11.76 7.26 -6.20
CA ILE A 23 -11.58 6.56 -4.94
C ILE A 23 -10.72 7.42 -3.98
N SER A 24 -11.19 7.60 -2.74
CA SER A 24 -10.44 8.28 -1.71
C SER A 24 -10.29 7.37 -0.48
N VAL A 25 -9.06 7.25 0.02
CA VAL A 25 -8.75 6.43 1.17
C VAL A 25 -8.00 7.29 2.17
N GLY A 26 -8.52 7.33 3.39
CA GLY A 26 -7.82 7.96 4.50
C GLY A 26 -7.00 6.96 5.30
N TYR A 27 -5.84 7.42 5.75
CA TYR A 27 -4.94 6.68 6.63
C TYR A 27 -4.53 7.51 7.84
N VAL A 28 -4.49 6.86 9.01
CA VAL A 28 -3.80 7.42 10.16
C VAL A 28 -2.72 6.44 10.60
N ASP A 29 -1.49 6.92 10.70
CA ASP A 29 -0.31 6.10 11.01
C ASP A 29 -0.26 4.88 10.10
N ASN A 30 -0.59 5.08 8.82
CA ASN A 30 -0.50 4.07 7.79
C ASN A 30 -1.57 2.99 7.85
N LYS A 31 -2.60 3.17 8.69
CA LYS A 31 -3.75 2.27 8.73
C LYS A 31 -4.95 2.95 8.08
N GLU A 32 -5.49 2.27 7.07
CA GLU A 32 -6.70 2.71 6.41
C GLU A 32 -7.83 2.84 7.44
N PHE A 33 -8.49 3.99 7.48
CA PHE A 33 -9.51 4.25 8.47
C PHE A 33 -10.81 4.74 7.88
N VAL A 34 -10.79 5.23 6.64
CA VAL A 34 -11.98 5.56 5.88
C VAL A 34 -11.76 5.33 4.38
N ARG A 35 -12.85 5.13 3.64
CA ARG A 35 -12.79 4.91 2.18
C ARG A 35 -14.07 5.38 1.51
N PHE A 36 -13.92 6.05 0.38
CA PHE A 36 -15.02 6.42 -0.51
C PHE A 36 -14.73 5.93 -1.90
N ASP A 37 -15.75 5.39 -2.56
CA ASP A 37 -15.61 4.84 -3.91
C ASP A 37 -16.85 5.19 -4.72
N SER A 38 -16.67 5.98 -5.79
CA SER A 38 -17.78 6.46 -6.62
C SER A 38 -18.57 5.36 -7.36
N ASP A 39 -18.00 4.15 -7.45
CA ASP A 39 -18.60 3.04 -8.20
C ASP A 39 -19.73 2.31 -7.46
N ALA A 40 -19.93 2.62 -6.19
CA ALA A 40 -21.01 2.01 -5.42
C ALA A 40 -22.35 2.51 -5.91
N GLU A 41 -23.41 1.77 -5.54
CA GLU A 41 -24.78 2.11 -5.89
C GLU A 41 -25.14 3.46 -5.29
N ASN A 42 -24.95 3.58 -3.98
CA ASN A 42 -25.10 4.83 -3.25
C ASN A 42 -23.74 5.18 -2.64
N PRO A 43 -22.88 5.85 -3.40
CA PRO A 43 -21.53 6.19 -2.93
C PRO A 43 -21.52 6.98 -1.61
N ARG A 44 -20.82 6.45 -0.63
CA ARG A 44 -20.70 7.09 0.65
C ARG A 44 -19.35 6.76 1.32
N TYR A 45 -18.85 7.69 2.13
CA TYR A 45 -17.70 7.36 2.97
C TYR A 45 -18.05 6.28 3.99
N GLU A 46 -17.21 5.26 4.07
CA GLU A 46 -17.37 4.19 5.03
C GLU A 46 -16.21 4.11 5.98
N PRO A 47 -16.48 3.75 7.25
CA PRO A 47 -15.43 3.53 8.22
C PRO A 47 -14.69 2.25 7.87
N ARG A 48 -13.39 2.24 8.14
CA ARG A 48 -12.54 1.09 7.88
C ARG A 48 -11.69 0.75 9.07
N ALA A 49 -11.88 1.47 10.17
CA ALA A 49 -11.24 1.17 11.44
C ALA A 49 -12.36 1.17 12.51
N PRO A 50 -12.37 0.20 13.41
CA PRO A 50 -13.35 0.13 14.50
C PRO A 50 -13.67 1.44 15.21
N TRP A 51 -12.63 2.15 15.60
CA TRP A 51 -12.76 3.38 16.37
C TRP A 51 -13.41 4.56 15.61
N MET A 52 -13.63 4.43 14.30
CA MET A 52 -14.44 5.41 13.56
C MET A 52 -15.96 5.28 13.78
N GLU A 53 -16.38 4.25 14.51
CA GLU A 53 -17.72 4.19 15.10
C GLU A 53 -18.02 5.37 16.04
N GLN A 54 -16.99 6.07 16.48
CA GLN A 54 -17.20 7.20 17.37
C GLN A 54 -17.76 8.43 16.62
N GLU A 55 -17.69 8.43 15.29
CA GLU A 55 -18.27 9.54 14.52
C GLU A 55 -19.74 9.28 14.22
N GLY A 56 -20.56 10.33 14.39
CA GLY A 56 -21.99 10.27 14.10
C GLY A 56 -22.31 10.59 12.65
N PRO A 57 -23.59 10.49 12.29
CA PRO A 57 -24.05 10.65 10.92
C PRO A 57 -23.63 11.96 10.24
N GLU A 58 -23.47 13.03 11.03
CA GLU A 58 -23.08 14.35 10.51
C GLU A 58 -21.69 14.31 9.90
N TYR A 59 -20.78 13.59 10.54
CA TYR A 59 -19.44 13.38 10.01
C TYR A 59 -19.51 12.73 8.62
N TRP A 60 -20.24 11.62 8.51
CA TRP A 60 -20.25 10.85 7.27
C TRP A 60 -20.93 11.60 6.11
N GLU A 61 -21.94 12.41 6.43
CA GLU A 61 -22.62 13.24 5.44
C GLU A 61 -21.71 14.33 4.87
N ARG A 62 -21.05 15.05 5.76
CA ARG A 62 -20.18 16.15 5.36
C ARG A 62 -18.99 15.65 4.54
N GLU A 63 -18.38 14.54 4.97
CA GLU A 63 -17.21 14.00 4.29
C GLU A 63 -17.61 13.39 2.97
N THR A 64 -18.76 12.73 2.93
CA THR A 64 -19.35 12.27 1.67
C THR A 64 -19.56 13.39 0.66
N GLN A 65 -20.10 14.54 1.07
CA GLN A 65 -20.27 15.68 0.16
C GLN A 65 -18.93 16.22 -0.38
N LYS A 66 -17.92 16.22 0.47
CA LYS A 66 -16.57 16.63 0.09
C LYS A 66 -15.97 15.74 -0.98
N ALA A 67 -16.08 14.43 -0.80
CA ALA A 67 -15.66 13.48 -1.80
C ALA A 67 -16.28 13.76 -3.18
N LYS A 68 -17.59 14.05 -3.23
CA LYS A 68 -18.27 14.34 -4.50
C LYS A 68 -17.75 15.62 -5.14
N GLY A 69 -17.43 16.59 -4.30
CA GLY A 69 -16.73 17.79 -4.76
C GLY A 69 -15.39 17.46 -5.38
N GLN A 70 -14.62 16.59 -4.72
CA GLN A 70 -13.29 16.25 -5.21
C GLN A 70 -13.43 15.54 -6.54
N GLU A 71 -14.38 14.61 -6.62
CA GLU A 71 -14.65 13.92 -7.86
C GLU A 71 -14.81 14.88 -9.04
N GLN A 72 -15.55 15.96 -8.83
CA GLN A 72 -15.72 16.96 -9.91
C GLN A 72 -14.43 17.72 -10.21
N TRP A 73 -13.67 18.06 -9.17
CA TRP A 73 -12.38 18.72 -9.34
C TRP A 73 -11.41 17.86 -10.17
N PHE A 74 -11.38 16.57 -9.87
CA PHE A 74 -10.59 15.61 -10.65
C PHE A 74 -11.13 15.39 -12.09
N ARG A 75 -12.45 15.42 -12.25
CA ARG A 75 -13.07 15.35 -13.60
C ARG A 75 -12.53 16.47 -14.49
N VAL A 76 -12.59 17.70 -13.98
CA VAL A 76 -12.20 18.87 -14.75
C VAL A 76 -10.71 18.87 -15.02
N SER A 77 -9.92 18.54 -13.98
CA SER A 77 -8.46 18.45 -14.09
C SER A 77 -8.01 17.41 -15.09
N LEU A 78 -8.68 16.26 -15.10
CA LEU A 78 -8.38 15.24 -16.09
C LEU A 78 -8.55 15.75 -17.53
N ARG A 79 -9.63 16.48 -17.78
CA ARG A 79 -9.86 17.08 -19.10
C ARG A 79 -8.77 18.09 -19.48
N ASN A 80 -8.38 18.91 -18.52
CA ASN A 80 -7.35 19.91 -18.74
C ASN A 80 -6.04 19.25 -19.13
N LEU A 81 -5.71 18.15 -18.44
CA LEU A 81 -4.46 17.40 -18.67
C LEU A 81 -4.43 16.74 -20.05
N LEU A 82 -5.59 16.28 -20.50
CA LEU A 82 -5.72 15.77 -21.87
C LEU A 82 -5.18 16.83 -22.86
N GLY A 83 -5.49 18.09 -22.61
CA GLY A 83 -5.08 19.17 -23.51
C GLY A 83 -3.61 19.50 -23.40
N TYR A 84 -3.11 19.57 -22.14
CA TYR A 84 -1.71 19.88 -21.90
C TYR A 84 -0.80 18.86 -22.60
N TYR A 85 -1.25 17.60 -22.66
CA TYR A 85 -0.43 16.55 -23.20
C TYR A 85 -0.83 16.17 -24.63
N ASN A 86 -1.76 16.91 -25.25
CA ASN A 86 -2.18 16.61 -26.62
C ASN A 86 -2.59 15.16 -26.71
N GLN A 87 -3.37 14.72 -25.74
CA GLN A 87 -3.81 13.34 -25.69
C GLN A 87 -5.21 13.23 -26.27
N SER A 88 -5.37 12.18 -27.06
CA SER A 88 -6.67 11.85 -27.61
C SER A 88 -7.49 11.28 -26.47
N ALA A 89 -8.78 11.59 -26.45
CA ALA A 89 -9.70 10.91 -25.54
C ALA A 89 -10.05 9.60 -26.24
N GLY A 90 -10.62 8.67 -25.48
CA GLY A 90 -10.85 7.32 -25.98
C GLY A 90 -9.97 6.33 -25.26
N GLY A 91 -9.03 6.83 -24.47
CA GLY A 91 -8.21 6.00 -23.60
C GLY A 91 -8.51 6.37 -22.16
N SER A 92 -8.00 5.59 -21.22
CA SER A 92 -8.11 5.95 -19.81
C SER A 92 -6.82 6.60 -19.34
N HIS A 93 -6.98 7.54 -18.42
CA HIS A 93 -5.88 8.28 -17.84
C HIS A 93 -6.14 8.35 -16.35
N THR A 94 -5.08 8.53 -15.60
CA THR A 94 -5.22 8.59 -14.13
C THR A 94 -4.57 9.84 -13.52
N LEU A 95 -5.25 10.35 -12.50
CA LEU A 95 -4.78 11.47 -11.73
C LEU A 95 -4.82 11.03 -10.28
N GLN A 96 -3.72 11.22 -9.57
CA GLN A 96 -3.65 10.83 -8.15
C GLN A 96 -3.17 12.01 -7.33
N GLN A 97 -3.60 12.03 -6.07
CA GLN A 97 -3.22 13.06 -5.12
C GLN A 97 -2.95 12.36 -3.81
N MET A 98 -1.90 12.79 -3.13
CA MET A 98 -1.68 12.46 -1.73
C MET A 98 -1.59 13.77 -0.96
N SER A 99 -2.22 13.82 0.21
CA SER A 99 -2.18 15.00 1.09
C SER A 99 -2.37 14.65 2.55
N GLY A 100 -1.82 15.49 3.42
CA GLY A 100 -1.94 15.33 4.86
C GLY A 100 -0.78 15.91 5.64
N CYS A 101 -0.59 15.39 6.85
CA CYS A 101 0.34 15.99 7.80
C CYS A 101 0.98 14.97 8.72
N ASP A 102 2.21 15.27 9.10
CA ASP A 102 2.98 14.49 10.05
C ASP A 102 3.10 15.32 11.32
N LEU A 103 2.93 14.70 12.47
CA LEU A 103 3.24 15.32 13.75
C LEU A 103 4.55 14.78 14.26
N GLY A 104 5.36 15.63 14.89
CA GLY A 104 6.60 15.20 15.49
C GLY A 104 6.34 14.66 16.88
N SER A 105 7.42 14.37 17.59
CA SER A 105 7.37 13.95 18.98
C SER A 105 6.91 15.10 19.87
N ASP A 106 7.08 16.34 19.42
CA ASP A 106 6.58 17.49 20.17
C ASP A 106 5.10 17.76 19.91
N TRP A 107 4.50 16.93 19.04
CA TRP A 107 3.07 16.91 18.75
C TRP A 107 2.60 18.06 17.91
N ARG A 108 3.52 18.92 17.48
CA ARG A 108 3.20 19.98 16.53
C ARG A 108 3.38 19.47 15.11
N LEU A 109 2.75 20.18 14.18
CA LEU A 109 2.97 19.95 12.77
C LEU A 109 4.46 19.84 12.50
N LEU A 110 4.86 18.72 11.92
CA LEU A 110 6.23 18.53 11.49
C LEU A 110 6.35 18.89 10.00
N ARG A 111 5.39 18.43 9.20
CA ARG A 111 5.39 18.69 7.76
C ARG A 111 3.97 18.49 7.24
N GLY A 112 3.61 19.30 6.25
CA GLY A 112 2.40 19.11 5.46
C GLY A 112 2.78 18.63 4.08
N TYR A 113 1.88 17.86 3.46
CA TYR A 113 2.14 17.23 2.17
C TYR A 113 0.98 17.49 1.21
N LEU A 114 1.31 17.78 -0.05
CA LEU A 114 0.35 17.83 -1.17
C LEU A 114 1.11 17.52 -2.43
N GLN A 115 0.75 16.39 -3.04
CA GLN A 115 1.46 15.85 -4.20
C GLN A 115 0.45 15.35 -5.22
N PHE A 116 0.75 15.56 -6.51
CA PHE A 116 -0.08 15.06 -7.58
C PHE A 116 0.74 14.24 -8.58
N ALA A 117 0.11 13.21 -9.14
CA ALA A 117 0.72 12.37 -10.17
C ALA A 117 -0.25 12.22 -11.33
N TYR A 118 0.29 12.26 -12.54
CA TYR A 118 -0.49 12.02 -13.74
C TYR A 118 0.12 10.84 -14.46
N GLU A 119 -0.73 9.87 -14.78
CA GLU A 119 -0.32 8.61 -15.37
C GLU A 119 0.72 7.92 -14.49
N GLY A 120 0.57 8.04 -13.17
CA GLY A 120 1.46 7.38 -12.21
C GLY A 120 2.84 7.99 -12.07
N ARG A 121 3.01 9.19 -12.63
CA ARG A 121 4.28 9.90 -12.59
C ARG A 121 4.10 11.26 -11.92
N ASP A 122 5.09 11.66 -11.13
CA ASP A 122 5.15 12.97 -10.46
C ASP A 122 4.72 14.07 -11.42
N TYR A 123 3.82 14.94 -10.95
CA TYR A 123 3.26 16.02 -11.76
C TYR A 123 3.54 17.37 -11.10
N ILE A 124 2.90 17.64 -9.97
CA ILE A 124 3.22 18.83 -9.17
C ILE A 124 3.10 18.52 -7.68
N ALA A 125 3.98 19.13 -6.89
CA ALA A 125 3.94 19.02 -5.45
C ALA A 125 4.12 20.39 -4.82
N LEU A 126 3.45 20.57 -3.69
CA LEU A 126 3.70 21.67 -2.79
C LEU A 126 5.00 21.43 -2.02
N ASN A 127 5.85 22.45 -2.00
CA ASN A 127 7.10 22.39 -1.26
C ASN A 127 6.84 22.47 0.26
N GLU A 128 7.84 22.09 1.06
CA GLU A 128 7.69 22.01 2.52
C GLU A 128 7.35 23.34 3.16
N ASP A 129 7.71 24.41 2.46
CA ASP A 129 7.37 25.75 2.91
C ASP A 129 5.89 26.04 2.82
N LEU A 130 5.13 25.16 2.14
CA LEU A 130 3.72 25.33 1.92
C LEU A 130 3.37 26.63 1.19
N LYS A 131 4.30 27.08 0.35
CA LYS A 131 4.13 28.32 -0.40
C LYS A 131 4.52 28.17 -1.86
N THR A 132 5.59 27.44 -2.15
CA THR A 132 6.04 27.24 -3.53
C THR A 132 5.82 25.82 -4.04
N TRP A 133 5.86 25.67 -5.37
CA TRP A 133 5.56 24.42 -6.06
C TRP A 133 6.75 23.85 -6.79
N THR A 134 6.80 22.53 -6.83
CA THR A 134 7.76 21.84 -7.65
C THR A 134 6.99 21.13 -8.77
N ALA A 135 7.18 21.62 -9.99
CA ALA A 135 6.54 21.06 -11.19
C ALA A 135 7.52 20.12 -11.87
N ALA A 136 7.08 18.92 -12.20
CA ALA A 136 7.99 17.86 -12.65
C ALA A 136 8.36 17.96 -14.11
N ASP A 137 7.47 18.49 -14.93
CA ASP A 137 7.70 18.58 -16.38
C ASP A 137 7.14 19.88 -16.95
N MET A 138 7.19 20.01 -18.27
CA MET A 138 6.71 21.21 -18.96
C MET A 138 5.22 21.48 -18.74
N ALA A 139 4.38 20.45 -18.88
CA ALA A 139 2.95 20.61 -18.66
C ALA A 139 2.67 21.13 -17.26
N ALA A 140 3.39 20.58 -16.29
CA ALA A 140 3.18 20.94 -14.90
C ALA A 140 3.58 22.37 -14.64
N GLN A 141 4.48 22.95 -15.46
CA GLN A 141 4.85 24.37 -15.26
C GLN A 141 3.66 25.28 -15.55
N ILE A 142 2.79 24.83 -16.46
CA ILE A 142 1.54 25.53 -16.78
C ILE A 142 0.67 25.64 -15.54
N THR A 143 0.46 24.50 -14.89
CA THR A 143 -0.25 24.46 -13.62
C THR A 143 0.45 25.29 -12.55
N ARG A 144 1.78 25.17 -12.42
CA ARG A 144 2.51 25.94 -11.38
C ARG A 144 2.24 27.43 -11.53
N ARG A 145 2.39 27.92 -12.76
CA ARG A 145 2.17 29.34 -13.07
C ARG A 145 0.71 29.77 -12.82
N LYS A 146 -0.22 28.91 -13.21
CA LYS A 146 -1.64 29.15 -12.96
C LYS A 146 -1.96 29.25 -11.44
N TRP A 147 -1.38 28.35 -10.65
CA TRP A 147 -1.58 28.33 -9.21
C TRP A 147 -0.84 29.47 -8.50
N GLU A 148 0.33 29.84 -8.98
CA GLU A 148 1.01 31.04 -8.47
C GLU A 148 0.12 32.27 -8.74
N GLN A 149 -0.29 32.41 -10.00
CA GLN A 149 -1.20 33.49 -10.39
C GLN A 149 -2.44 33.58 -9.48
N SER A 150 -3.04 32.44 -9.17
CA SER A 150 -4.28 32.38 -8.38
C SER A 150 -4.04 32.39 -6.86
N GLY A 151 -2.80 32.22 -6.44
CA GLY A 151 -2.51 32.06 -5.02
C GLY A 151 -3.16 30.83 -4.39
N ALA A 152 -3.10 29.69 -5.09
CA ALA A 152 -3.73 28.44 -4.59
C ALA A 152 -3.08 27.91 -3.32
N ALA A 153 -1.76 28.04 -3.20
CA ALA A 153 -1.05 27.46 -2.07
C ALA A 153 -1.56 27.90 -0.69
N GLU A 154 -2.09 29.11 -0.55
CA GLU A 154 -2.42 29.63 0.77
C GLU A 154 -3.53 28.78 1.38
N HIS A 155 -4.50 28.45 0.53
CA HIS A 155 -5.63 27.61 0.89
C HIS A 155 -5.19 26.23 1.40
N TYR A 156 -4.29 25.58 0.68
CA TYR A 156 -3.66 24.31 1.11
C TYR A 156 -2.90 24.44 2.41
N LYS A 157 -2.08 25.48 2.51
CA LYS A 157 -1.35 25.76 3.75
C LYS A 157 -2.24 25.80 4.97
N ALA A 158 -3.38 26.48 4.83
CA ALA A 158 -4.35 26.65 5.92
C ALA A 158 -4.97 25.32 6.39
N TYR A 159 -5.31 24.47 5.43
CA TYR A 159 -5.82 23.13 5.79
C TYR A 159 -4.73 22.33 6.52
N LEU A 160 -3.52 22.36 5.98
CA LEU A 160 -2.46 21.48 6.48
C LEU A 160 -1.95 21.85 7.86
N GLU A 161 -1.95 23.15 8.15
CA GLU A 161 -1.56 23.64 9.47
C GLU A 161 -2.74 23.67 10.46
N GLY A 162 -3.95 23.48 9.98
CA GLY A 162 -5.15 23.65 10.79
C GLY A 162 -6.01 22.42 10.92
N GLU A 163 -6.94 22.24 10.01
CA GLU A 163 -7.89 21.13 10.06
C GLU A 163 -7.21 19.76 10.05
N CYS A 164 -6.11 19.64 9.29
CA CYS A 164 -5.35 18.37 9.24
C CYS A 164 -4.80 17.96 10.62
N VAL A 165 -4.22 18.95 11.32
CA VAL A 165 -3.71 18.76 12.66
C VAL A 165 -4.84 18.53 13.67
N GLU A 166 -5.90 19.34 13.63
CA GLU A 166 -7.05 19.14 14.51
C GLU A 166 -7.58 17.71 14.45
N TRP A 167 -7.87 17.26 13.23
CA TRP A 167 -8.48 15.94 13.04
C TRP A 167 -7.54 14.78 13.33
N LEU A 168 -6.25 14.93 13.08
CA LEU A 168 -5.29 13.88 13.39
C LEU A 168 -5.17 13.67 14.91
N HIS A 169 -5.21 14.78 15.66
CA HIS A 169 -5.26 14.71 17.13
C HIS A 169 -6.50 13.96 17.62
N ARG A 170 -7.63 14.26 17.00
CA ARG A 170 -8.88 13.60 17.34
C ARG A 170 -8.81 12.09 17.07
N TYR A 171 -8.34 11.73 15.88
CA TYR A 171 -8.30 10.32 15.48
C TYR A 171 -7.36 9.52 16.38
N LEU A 172 -6.23 10.13 16.72
CA LEU A 172 -5.27 9.54 17.62
C LEU A 172 -5.84 9.27 19.02
N LYS A 173 -6.60 10.24 19.53
CA LYS A 173 -7.32 10.12 20.83
C LYS A 173 -8.38 9.06 20.74
N ASN A 174 -9.22 9.13 19.71
CA ASN A 174 -10.28 8.14 19.53
C ASN A 174 -9.73 6.73 19.25
N GLY A 175 -8.68 6.63 18.45
CA GLY A 175 -8.14 5.34 18.07
C GLY A 175 -6.99 4.85 18.91
N ASN A 176 -6.69 5.56 20.00
CA ASN A 176 -5.48 5.30 20.82
C ASN A 176 -5.24 3.82 21.10
N ALA A 177 -6.24 3.11 21.60
CA ALA A 177 -6.07 1.72 22.02
C ALA A 177 -5.74 0.75 20.88
N THR A 178 -6.06 1.10 19.64
CA THR A 178 -5.66 0.20 18.54
C THR A 178 -4.40 0.70 17.80
N LEU A 179 -4.30 2.00 17.59
CA LEU A 179 -3.17 2.58 16.85
C LEU A 179 -1.86 2.48 17.59
N LEU A 180 -1.90 2.51 18.92
CA LEU A 180 -0.67 2.42 19.72
C LEU A 180 -0.25 0.99 20.05
N ARG A 181 -1.08 0.00 19.70
CA ARG A 181 -0.77 -1.41 19.98
C ARG A 181 0.32 -1.97 19.08
N THR A 182 0.91 -3.08 19.54
CA THR A 182 1.76 -3.95 18.72
C THR A 182 1.32 -5.42 18.79
N ASP A 183 1.74 -6.16 17.78
CA ASP A 183 1.73 -7.60 17.84
C ASP A 183 3.13 -7.98 17.44
N SER A 184 3.90 -8.43 18.41
CA SER A 184 5.25 -8.86 18.13
C SER A 184 5.29 -10.05 17.16
N PRO A 185 6.34 -10.12 16.34
CA PRO A 185 6.46 -11.22 15.40
C PRO A 185 6.56 -12.59 16.07
N LYS A 186 5.95 -13.56 15.41
CA LYS A 186 6.27 -14.96 15.60
C LYS A 186 7.30 -15.40 14.56
N ALA A 187 8.46 -15.82 15.01
CA ALA A 187 9.60 -16.08 14.10
C ALA A 187 10.06 -17.52 14.21
N HIS A 188 10.57 -18.07 13.11
CA HIS A 188 11.23 -19.36 13.09
C HIS A 188 12.12 -19.46 11.83
N VAL A 189 13.09 -20.36 11.88
CA VAL A 189 14.03 -20.57 10.76
C VAL A 189 13.72 -21.91 10.10
N THR A 190 13.53 -21.90 8.77
CA THR A 190 13.46 -23.14 8.00
C THR A 190 14.74 -23.38 7.23
N HIS A 191 14.85 -24.59 6.70
CA HIS A 191 16.08 -25.11 6.11
C HIS A 191 15.68 -25.76 4.80
N HIS A 192 16.42 -25.47 3.73
CA HIS A 192 16.00 -25.95 2.41
C HIS A 192 17.16 -26.35 1.53
N PRO A 193 16.96 -27.34 0.66
CA PRO A 193 17.99 -27.66 -0.35
C PRO A 193 18.17 -26.46 -1.25
N ARG A 194 19.37 -26.27 -1.80
CA ARG A 194 19.65 -25.17 -2.73
C ARG A 194 20.45 -25.71 -3.90
N SER A 195 21.69 -26.08 -3.65
CA SER A 195 22.54 -26.65 -4.70
C SER A 195 23.58 -27.54 -4.04
N LYS A 196 24.44 -28.13 -4.86
CA LYS A 196 25.45 -29.09 -4.38
C LYS A 196 26.26 -28.48 -3.26
N GLY A 197 26.15 -29.07 -2.07
CA GLY A 197 26.90 -28.63 -0.90
C GLY A 197 26.44 -27.31 -0.30
N GLU A 198 25.24 -26.86 -0.68
CA GLU A 198 24.78 -25.55 -0.25
C GLU A 198 23.30 -25.59 0.05
N VAL A 199 22.92 -24.89 1.11
CA VAL A 199 21.55 -24.89 1.55
C VAL A 199 21.10 -23.47 1.84
N THR A 200 19.79 -23.31 1.91
CA THR A 200 19.18 -22.05 2.20
C THR A 200 18.61 -22.08 3.63
N LEU A 201 18.93 -21.06 4.40
CA LEU A 201 18.26 -20.82 5.68
C LEU A 201 17.35 -19.62 5.52
N ARG A 202 16.08 -19.78 5.90
CA ARG A 202 15.10 -18.72 5.80
C ARG A 202 14.52 -18.39 7.16
N CYS A 203 14.67 -17.14 7.55
CA CYS A 203 14.23 -16.61 8.81
C CYS A 203 12.91 -15.89 8.58
N TRP A 204 11.86 -16.47 9.13
CA TRP A 204 10.49 -16.00 8.98
C TRP A 204 10.04 -15.12 10.16
N ALA A 205 9.30 -14.05 9.87
CA ALA A 205 8.60 -13.26 10.87
C ALA A 205 7.17 -13.12 10.42
N LEU A 206 6.25 -13.64 11.23
CA LEU A 206 4.84 -13.67 10.92
C LEU A 206 3.95 -12.95 11.95
N GLY A 207 2.78 -12.53 11.48
CA GLY A 207 1.71 -11.97 12.29
C GLY A 207 2.06 -10.75 13.13
N PHE A 208 2.89 -9.86 12.58
CA PHE A 208 3.36 -8.71 13.34
C PHE A 208 2.68 -7.44 12.90
N TYR A 209 2.67 -6.49 13.81
CA TYR A 209 2.08 -5.20 13.60
C TYR A 209 2.72 -4.18 14.57
N PRO A 210 3.08 -2.98 14.12
CA PRO A 210 2.94 -2.52 12.75
C PRO A 210 3.96 -3.16 11.78
N ALA A 211 3.93 -2.72 10.53
CA ALA A 211 4.66 -3.38 9.45
C ALA A 211 6.16 -3.15 9.53
N ASP A 212 6.59 -2.11 10.23
CA ASP A 212 8.02 -1.84 10.38
C ASP A 212 8.75 -2.95 11.08
N ILE A 213 9.87 -3.41 10.49
CA ILE A 213 10.59 -4.54 11.02
C ILE A 213 11.98 -4.60 10.41
N THR A 214 12.93 -5.20 11.12
CA THR A 214 14.26 -5.48 10.63
C THR A 214 14.67 -6.90 10.88
N LEU A 215 15.07 -7.59 9.81
CA LEU A 215 15.63 -8.93 9.91
C LEU A 215 17.09 -8.88 9.48
N THR A 216 17.97 -9.53 10.23
CA THR A 216 19.36 -9.60 9.86
C THR A 216 19.87 -11.01 10.05
N TRP A 217 20.88 -11.33 9.26
CA TRP A 217 21.64 -12.55 9.44
C TRP A 217 23.09 -12.21 9.77
N GLN A 218 23.69 -13.03 10.66
CA GLN A 218 25.09 -12.88 11.06
C GLN A 218 25.88 -14.16 10.90
N LEU A 219 27.15 -13.97 10.50
CA LEU A 219 28.16 -15.02 10.54
C LEU A 219 29.43 -14.45 11.20
N ASN A 220 29.98 -15.18 12.16
CA ASN A 220 31.23 -14.79 12.81
C ASN A 220 31.18 -13.32 13.27
N GLY A 221 30.04 -12.92 13.79
CA GLY A 221 29.87 -11.59 14.38
C GLY A 221 29.70 -10.43 13.40
N GLU A 222 29.50 -10.73 12.11
CA GLU A 222 29.27 -9.71 11.09
C GLU A 222 27.89 -9.87 10.45
N GLU A 223 27.22 -8.76 10.15
CA GLU A 223 25.93 -8.79 9.44
C GLU A 223 26.19 -9.22 8.00
N LEU A 224 25.33 -10.07 7.44
CA LEU A 224 25.43 -10.43 6.01
C LEU A 224 24.63 -9.42 5.14
N THR A 225 25.10 -8.18 5.16
CA THR A 225 24.43 -7.03 4.54
C THR A 225 24.17 -7.22 3.04
N GLN A 226 25.19 -7.68 2.32
CA GLN A 226 25.11 -7.79 0.88
C GLN A 226 24.93 -9.24 0.45
N ASP A 227 24.56 -10.11 1.39
CA ASP A 227 24.50 -11.54 1.09
C ASP A 227 23.23 -12.25 1.53
N MET A 228 22.16 -11.49 1.72
CA MET A 228 20.88 -12.09 2.04
C MET A 228 19.78 -11.62 1.09
N GLU A 229 18.78 -12.47 0.90
CA GLU A 229 17.60 -12.17 0.11
C GLU A 229 16.48 -11.77 1.05
N LEU A 230 15.98 -10.54 0.90
CA LEU A 230 14.99 -9.98 1.80
C LEU A 230 13.70 -9.82 1.01
N VAL A 231 12.66 -10.56 1.39
CA VAL A 231 11.36 -10.48 0.71
C VAL A 231 10.68 -9.16 1.06
N GLU A 232 9.86 -8.65 0.16
CA GLU A 232 9.10 -7.47 0.41
C GLU A 232 8.03 -7.81 1.46
N THR A 233 7.84 -6.91 2.42
CA THR A 233 6.82 -7.08 3.46
C THR A 233 5.44 -7.19 2.86
N ARG A 234 4.64 -8.13 3.36
CA ARG A 234 3.37 -8.48 2.73
C ARG A 234 2.32 -8.67 3.82
N PRO A 235 1.07 -8.35 3.50
CA PRO A 235 -0.06 -8.50 4.44
C PRO A 235 -0.48 -9.96 4.65
N ALA A 236 -0.71 -10.35 5.91
CA ALA A 236 -1.28 -11.67 6.20
C ALA A 236 -2.73 -11.73 5.79
N GLY A 237 -3.39 -10.57 5.76
CA GLY A 237 -4.76 -10.46 5.36
C GLY A 237 -5.70 -10.29 6.56
N ASP A 238 -5.16 -10.33 7.76
CA ASP A 238 -5.92 -10.15 8.98
C ASP A 238 -5.51 -8.89 9.72
N GLY A 239 -4.82 -7.97 9.04
CA GLY A 239 -4.31 -6.76 9.66
C GLY A 239 -2.87 -6.79 10.07
N THR A 240 -2.26 -7.98 10.14
CA THR A 240 -0.84 -8.12 10.46
C THR A 240 0.02 -8.45 9.22
N PHE A 241 1.34 -8.52 9.41
CA PHE A 241 2.28 -8.56 8.29
C PHE A 241 3.23 -9.75 8.39
N GLN A 242 3.92 -10.03 7.29
CA GLN A 242 4.86 -11.11 7.21
C GLN A 242 6.11 -10.62 6.46
N LYS A 243 7.25 -11.21 6.76
CA LYS A 243 8.50 -10.97 6.03
C LYS A 243 9.44 -12.12 6.30
N TRP A 244 10.39 -12.33 5.39
CA TRP A 244 11.44 -13.25 5.65
C TRP A 244 12.72 -12.81 4.98
N ALA A 245 13.82 -13.35 5.47
CA ALA A 245 15.19 -13.05 5.00
C ALA A 245 15.90 -14.39 4.89
N SER A 246 16.56 -14.66 3.76
CA SER A 246 17.27 -15.92 3.61
C SER A 246 18.70 -15.74 3.14
N VAL A 247 19.50 -16.74 3.47
CA VAL A 247 20.90 -16.83 3.10
C VAL A 247 21.21 -18.23 2.60
N VAL A 248 22.14 -18.30 1.65
CA VAL A 248 22.65 -19.55 1.15
C VAL A 248 23.97 -19.82 1.86
N VAL A 249 24.10 -21.01 2.40
CA VAL A 249 25.20 -21.30 3.29
C VAL A 249 25.70 -22.69 3.01
N PRO A 250 26.96 -22.97 3.36
CA PRO A 250 27.52 -24.29 3.15
C PRO A 250 26.86 -25.39 3.99
N LEU A 251 26.58 -26.52 3.35
CA LEU A 251 26.06 -27.67 4.07
C LEU A 251 27.10 -28.06 5.11
N GLY A 252 26.66 -28.17 6.38
CA GLY A 252 27.56 -28.43 7.50
C GLY A 252 27.95 -27.23 8.33
N LYS A 253 27.68 -26.03 7.84
CA LYS A 253 28.02 -24.79 8.53
C LYS A 253 26.81 -24.00 9.05
N GLU A 254 25.63 -24.62 8.98
CA GLU A 254 24.35 -23.91 9.27
C GLU A 254 24.32 -23.33 10.68
N GLN A 255 24.95 -24.01 11.63
CA GLN A 255 24.98 -23.55 13.03
C GLN A 255 25.80 -22.30 13.23
N ASN A 256 26.63 -21.91 12.26
CA ASN A 256 27.39 -20.66 12.38
C ASN A 256 26.56 -19.41 12.12
N TYR A 257 25.33 -19.62 11.67
CA TYR A 257 24.49 -18.49 11.29
C TYR A 257 23.38 -18.23 12.32
N THR A 258 23.17 -16.94 12.59
CA THR A 258 22.09 -16.54 13.46
C THR A 258 21.27 -15.43 12.80
N CYS A 259 19.97 -15.48 13.01
CA CYS A 259 19.05 -14.46 12.52
C CYS A 259 18.65 -13.58 13.70
N ARG A 260 18.67 -12.25 13.52
CA ARG A 260 18.11 -11.32 14.53
C ARG A 260 16.84 -10.66 14.00
N VAL A 261 15.85 -10.49 14.88
CA VAL A 261 14.56 -9.87 14.52
C VAL A 261 14.29 -8.67 15.43
N TYR A 262 14.06 -7.51 14.83
CA TYR A 262 13.86 -6.23 15.54
C TYR A 262 12.50 -5.69 15.19
N HIS A 263 11.75 -5.31 16.21
CA HIS A 263 10.37 -4.87 16.05
C HIS A 263 9.96 -4.11 17.33
N GLU A 264 9.13 -3.10 17.17
CA GLU A 264 8.65 -2.26 18.29
C GLU A 264 8.05 -3.09 19.44
N GLY A 265 7.39 -4.19 19.08
CA GLY A 265 6.78 -5.09 20.08
C GLY A 265 7.76 -5.97 20.84
N LEU A 266 9.04 -5.89 20.50
CA LEU A 266 10.06 -6.69 21.12
C LEU A 266 11.02 -5.78 21.90
N PRO A 267 10.92 -5.78 23.23
CA PRO A 267 11.89 -5.08 24.07
C PRO A 267 13.35 -5.41 23.73
N GLU A 268 13.65 -6.69 23.62
CA GLU A 268 14.93 -7.17 23.16
C GLU A 268 14.69 -7.91 21.81
N PRO A 269 15.61 -7.71 20.85
CA PRO A 269 15.54 -8.46 19.59
C PRO A 269 15.67 -9.96 19.75
N LEU A 270 14.99 -10.70 18.89
CA LEU A 270 15.06 -12.14 18.90
C LEU A 270 16.36 -12.58 18.26
N THR A 271 16.92 -13.68 18.75
CA THR A 271 18.10 -14.32 18.16
C THR A 271 17.72 -15.74 17.83
N LEU A 272 17.81 -16.09 16.54
CA LEU A 272 17.32 -17.36 16.05
C LEU A 272 18.39 -18.12 15.28
N ARG A 273 18.22 -19.43 15.23
CA ARG A 273 19.14 -20.32 14.54
C ARG A 273 18.35 -21.47 13.97
N TRP A 274 18.95 -22.13 13.00
CA TRP A 274 18.40 -23.35 12.46
C TRP A 274 18.45 -24.43 13.54
N GLU A 275 17.30 -25.01 13.86
CA GLU A 275 17.22 -26.04 14.90
C GLU A 275 16.70 -27.36 14.29
N PRO A 276 17.64 -28.23 13.90
CA PRO A 276 17.29 -29.49 13.26
C PRO A 276 16.60 -30.46 14.23
N ILE B 1 4.25 4.95 -19.97
CA ILE B 1 4.87 4.18 -18.87
C ILE B 1 3.91 3.11 -18.31
N GLN B 2 4.42 1.90 -18.18
CA GLN B 2 3.65 0.86 -17.57
C GLN B 2 4.57 0.21 -16.62
N LYS B 3 4.07 -0.07 -15.42
CA LYS B 3 4.84 -0.78 -14.43
C LYS B 3 4.24 -2.16 -14.32
N THR B 4 5.10 -3.16 -14.49
CA THR B 4 4.73 -4.56 -14.41
C THR B 4 4.56 -4.98 -12.96
N PRO B 5 3.48 -5.69 -12.65
CA PRO B 5 3.24 -6.10 -11.25
C PRO B 5 4.25 -7.08 -10.70
N GLN B 6 4.55 -6.91 -9.42
CA GLN B 6 5.22 -7.93 -8.65
C GLN B 6 4.11 -8.74 -7.98
N ILE B 7 4.36 -10.03 -7.82
CA ILE B 7 3.36 -10.98 -7.32
C ILE B 7 4.00 -11.86 -6.25
N GLN B 8 3.34 -11.97 -5.09
CA GLN B 8 3.72 -12.92 -4.07
C GLN B 8 2.50 -13.77 -3.81
N VAL B 9 2.74 -15.08 -3.71
CA VAL B 9 1.71 -16.08 -3.45
C VAL B 9 2.17 -16.83 -2.21
N TYR B 10 1.32 -16.82 -1.18
CA TYR B 10 1.79 -17.28 0.14
C TYR B 10 0.61 -17.52 1.05
N SER B 11 0.79 -18.40 2.03
CA SER B 11 -0.26 -18.71 2.99
C SER B 11 -0.29 -17.72 4.16
N ARG B 12 -1.47 -17.48 4.68
CA ARG B 12 -1.61 -16.66 5.90
C ARG B 12 -0.90 -17.30 7.10
N HIS B 13 -1.07 -18.63 7.28
CA HIS B 13 -0.42 -19.39 8.37
C HIS B 13 0.58 -20.41 7.85
N PRO B 14 1.58 -20.80 8.61
CA PRO B 14 2.45 -21.85 8.11
C PRO B 14 1.58 -23.05 7.72
N PRO B 15 1.87 -23.65 6.58
CA PRO B 15 1.03 -24.68 5.98
C PRO B 15 1.25 -26.04 6.61
N GLU B 16 0.18 -26.79 6.74
CA GLU B 16 0.21 -28.18 7.23
C GLU B 16 -0.77 -28.93 6.36
N ASN B 17 -0.29 -29.94 5.64
CA ASN B 17 -1.14 -30.72 4.74
C ASN B 17 -2.36 -31.24 5.45
N GLY B 18 -3.51 -31.02 4.83
CA GLY B 18 -4.79 -31.45 5.37
C GLY B 18 -5.47 -30.44 6.26
N LYS B 19 -4.76 -29.37 6.64
CA LYS B 19 -5.34 -28.36 7.53
C LYS B 19 -5.73 -27.07 6.78
N PRO B 20 -6.95 -26.56 7.01
CA PRO B 20 -7.43 -25.36 6.31
C PRO B 20 -6.60 -24.14 6.61
N ASN B 21 -6.56 -23.22 5.64
CA ASN B 21 -5.64 -22.08 5.66
C ASN B 21 -6.22 -21.02 4.70
N ILE B 22 -5.48 -19.96 4.46
CA ILE B 22 -5.92 -18.96 3.52
C ILE B 22 -4.74 -18.71 2.60
N LEU B 23 -5.00 -18.67 1.30
CA LEU B 23 -3.95 -18.42 0.33
C LEU B 23 -4.10 -17.00 -0.15
N ASN B 24 -2.99 -16.29 -0.16
CA ASN B 24 -2.94 -14.89 -0.52
C ASN B 24 -2.17 -14.71 -1.83
N CYS B 25 -2.62 -13.79 -2.67
CA CYS B 25 -1.89 -13.35 -3.85
C CYS B 25 -1.85 -11.82 -3.82
N TYR B 26 -0.67 -11.33 -3.47
CA TYR B 26 -0.42 -9.91 -3.22
C TYR B 26 0.27 -9.34 -4.42
N VAL B 27 -0.39 -8.40 -5.07
CA VAL B 27 0.07 -7.87 -6.37
C VAL B 27 0.35 -6.41 -6.19
N THR B 28 1.58 -6.00 -6.54
CA THR B 28 2.06 -4.66 -6.27
C THR B 28 2.79 -4.07 -7.46
N GLN B 29 3.16 -2.80 -7.32
CA GLN B 29 4.08 -2.13 -8.24
C GLN B 29 3.58 -2.03 -9.66
N PHE B 30 2.26 -1.96 -9.83
CA PHE B 30 1.73 -1.88 -11.17
C PHE B 30 1.05 -0.55 -11.48
N HIS B 31 1.03 -0.28 -12.79
CA HIS B 31 0.33 0.85 -13.39
C HIS B 31 0.03 0.55 -14.88
N PRO B 32 -1.15 0.83 -15.40
CA PRO B 32 -2.26 1.49 -14.76
C PRO B 32 -3.02 0.62 -13.72
N PRO B 33 -4.02 1.15 -13.02
CA PRO B 33 -4.68 0.35 -11.98
C PRO B 33 -5.56 -0.84 -12.44
N HIS B 34 -6.02 -0.86 -13.69
CA HIS B 34 -6.84 -1.97 -14.11
C HIS B 34 -6.00 -3.26 -14.15
N ILE B 35 -6.52 -4.31 -13.51
CA ILE B 35 -5.81 -5.60 -13.43
C ILE B 35 -6.84 -6.71 -13.27
N GLU B 36 -6.51 -7.92 -13.71
CA GLU B 36 -7.43 -9.07 -13.56
C GLU B 36 -6.60 -10.18 -12.93
N ILE B 37 -7.09 -10.72 -11.81
CA ILE B 37 -6.34 -11.68 -11.01
C ILE B 37 -7.24 -12.90 -10.80
N GLN B 38 -6.66 -14.07 -11.05
CA GLN B 38 -7.31 -15.34 -10.78
C GLN B 38 -6.44 -16.15 -9.87
N MET B 39 -7.06 -16.95 -9.02
CA MET B 39 -6.34 -17.95 -8.26
C MET B 39 -6.81 -19.34 -8.71
N LEU B 40 -5.85 -20.26 -8.82
CA LEU B 40 -6.08 -21.58 -9.43
C LEU B 40 -5.67 -22.75 -8.57
N LYS B 41 -6.48 -23.81 -8.59
CA LYS B 41 -6.15 -25.07 -7.96
C LYS B 41 -6.04 -26.11 -9.08
N ASN B 42 -4.87 -26.73 -9.23
CA ASN B 42 -4.56 -27.66 -10.33
C ASN B 42 -5.01 -27.15 -11.70
N GLY B 43 -4.68 -25.89 -11.97
CA GLY B 43 -5.01 -25.27 -13.27
C GLY B 43 -6.45 -24.83 -13.45
N LYS B 44 -7.26 -24.99 -12.41
CA LYS B 44 -8.65 -24.60 -12.45
C LYS B 44 -8.90 -23.40 -11.52
N LYS B 45 -9.60 -22.42 -12.07
CA LYS B 45 -10.05 -21.26 -11.31
C LYS B 45 -10.81 -21.62 -10.03
N ILE B 46 -10.39 -20.99 -8.94
CA ILE B 46 -11.07 -21.11 -7.65
C ILE B 46 -12.24 -20.14 -7.60
N PRO B 47 -13.45 -20.65 -7.42
CA PRO B 47 -14.63 -19.80 -7.53
C PRO B 47 -14.72 -18.77 -6.41
N LYS B 48 -14.41 -19.16 -5.19
CA LYS B 48 -14.54 -18.20 -4.09
C LYS B 48 -13.21 -17.50 -3.79
N VAL B 49 -12.92 -16.48 -4.60
CA VAL B 49 -11.72 -15.69 -4.42
C VAL B 49 -12.18 -14.28 -4.09
N GLU B 50 -11.70 -13.79 -2.96
CA GLU B 50 -12.07 -12.47 -2.50
C GLU B 50 -10.97 -11.52 -2.88
N MET B 51 -11.37 -10.30 -3.20
CA MET B 51 -10.45 -9.29 -3.67
C MET B 51 -10.53 -8.10 -2.75
N SER B 52 -9.39 -7.67 -2.21
CA SER B 52 -9.35 -6.47 -1.42
C SER B 52 -9.69 -5.29 -2.34
N ASP B 53 -10.04 -4.16 -1.74
CA ASP B 53 -10.20 -2.94 -2.53
C ASP B 53 -8.79 -2.52 -2.92
N MET B 54 -8.67 -1.71 -3.95
CA MET B 54 -7.36 -1.29 -4.43
C MET B 54 -6.88 -0.01 -3.73
N SER B 55 -5.57 0.04 -3.53
CA SER B 55 -4.88 1.11 -2.90
C SER B 55 -3.69 1.47 -3.78
N PHE B 56 -3.01 2.57 -3.43
CA PHE B 56 -1.73 2.90 -4.02
C PHE B 56 -0.72 3.29 -2.94
N SER B 57 0.55 3.04 -3.23
CA SER B 57 1.62 3.35 -2.30
C SER B 57 2.22 4.73 -2.62
N LYS B 58 3.10 5.17 -1.72
CA LYS B 58 3.77 6.48 -1.81
C LYS B 58 4.52 6.69 -3.11
N ASP B 59 4.92 5.63 -3.81
CA ASP B 59 5.54 5.78 -5.16
C ASP B 59 4.53 5.83 -6.31
N TRP B 60 3.23 5.90 -5.97
CA TRP B 60 2.10 6.07 -6.90
C TRP B 60 1.56 4.72 -7.43
N SER B 61 2.33 3.66 -7.23
CA SER B 61 1.96 2.37 -7.80
C SER B 61 0.84 1.71 -7.03
N PHE B 62 0.05 0.92 -7.74
CA PHE B 62 -1.15 0.31 -7.17
C PHE B 62 -0.87 -1.05 -6.53
N TYR B 63 -1.76 -1.46 -5.63
CA TYR B 63 -1.62 -2.79 -5.00
C TYR B 63 -2.97 -3.30 -4.58
N ILE B 64 -3.05 -4.62 -4.52
CA ILE B 64 -4.29 -5.32 -4.25
C ILE B 64 -3.94 -6.71 -3.71
N LEU B 65 -4.82 -7.24 -2.86
CA LEU B 65 -4.67 -8.56 -2.30
C LEU B 65 -5.85 -9.43 -2.66
N ALA B 66 -5.57 -10.55 -3.32
CA ALA B 66 -6.56 -11.59 -3.53
C ALA B 66 -6.32 -12.73 -2.56
N HIS B 67 -7.40 -13.33 -2.10
CA HIS B 67 -7.27 -14.37 -1.11
C HIS B 67 -8.45 -15.31 -1.16
N THR B 68 -8.18 -16.52 -0.73
CA THR B 68 -9.18 -17.56 -0.71
C THR B 68 -8.83 -18.60 0.34
N GLU B 69 -9.86 -19.29 0.82
CA GLU B 69 -9.67 -20.43 1.71
C GLU B 69 -9.06 -21.57 0.89
N PHE B 70 -8.12 -22.30 1.48
CA PHE B 70 -7.57 -23.48 0.84
C PHE B 70 -7.08 -24.46 1.88
N THR B 71 -6.95 -25.71 1.44
CA THR B 71 -6.31 -26.73 2.24
C THR B 71 -5.09 -27.25 1.47
N PRO B 72 -3.91 -26.98 1.97
CA PRO B 72 -2.71 -27.49 1.32
C PRO B 72 -2.70 -29.02 1.43
N THR B 73 -2.25 -29.68 0.37
CA THR B 73 -2.03 -31.14 0.34
C THR B 73 -0.71 -31.47 -0.37
N GLU B 74 -0.37 -32.74 -0.38
CA GLU B 74 0.91 -33.15 -0.94
C GLU B 74 0.93 -32.97 -2.45
N THR B 75 -0.20 -33.18 -3.12
CA THR B 75 -0.19 -33.23 -4.58
C THR B 75 -0.95 -32.10 -5.33
N ASP B 76 -1.77 -31.31 -4.63
CA ASP B 76 -2.50 -30.20 -5.29
C ASP B 76 -1.56 -29.04 -5.51
N THR B 77 -1.68 -28.39 -6.66
CA THR B 77 -0.91 -27.16 -6.92
C THR B 77 -1.84 -25.98 -6.80
N TYR B 78 -1.26 -24.86 -6.37
CA TYR B 78 -1.94 -23.59 -6.28
C TYR B 78 -1.11 -22.52 -6.96
N ALA B 79 -1.78 -21.61 -7.62
CA ALA B 79 -1.13 -20.49 -8.27
C ALA B 79 -2.04 -19.29 -8.37
N CYS B 80 -1.42 -18.16 -8.71
CA CYS B 80 -2.11 -16.94 -8.99
C CYS B 80 -1.76 -16.52 -10.39
N ARG B 81 -2.76 -16.23 -11.19
CA ARG B 81 -2.56 -15.72 -12.54
C ARG B 81 -3.00 -14.27 -12.66
N VAL B 82 -2.10 -13.45 -13.19
CA VAL B 82 -2.34 -11.99 -13.28
C VAL B 82 -2.24 -11.53 -14.73
N LYS B 83 -3.28 -10.83 -15.18
CA LYS B 83 -3.35 -10.22 -16.49
C LYS B 83 -3.29 -8.70 -16.32
N HIS B 84 -2.29 -8.09 -16.96
CA HIS B 84 -2.09 -6.65 -16.90
C HIS B 84 -1.49 -6.17 -18.23
N ASP B 85 -1.84 -4.95 -18.65
CA ASP B 85 -1.40 -4.36 -19.95
C ASP B 85 0.10 -4.22 -20.08
N SER B 86 0.80 -4.07 -18.96
CA SER B 86 2.27 -4.11 -18.94
C SER B 86 2.86 -5.43 -19.46
N MET B 87 2.03 -6.46 -19.54
CA MET B 87 2.47 -7.80 -19.94
C MET B 87 1.71 -8.31 -21.17
N ALA B 88 2.45 -8.89 -22.10
CA ALA B 88 1.89 -9.44 -23.34
C ALA B 88 1.00 -10.64 -23.05
N GLU B 89 1.39 -11.45 -22.05
CA GLU B 89 0.62 -12.62 -21.64
C GLU B 89 0.38 -12.61 -20.13
N PRO B 90 -0.69 -13.25 -19.66
CA PRO B 90 -0.90 -13.42 -18.22
C PRO B 90 0.27 -14.13 -17.58
N LYS B 91 0.60 -13.71 -16.35
CA LYS B 91 1.73 -14.26 -15.61
C LYS B 91 1.14 -15.17 -14.54
N THR B 92 1.59 -16.43 -14.53
CA THR B 92 1.19 -17.41 -13.51
C THR B 92 2.33 -17.66 -12.54
N VAL B 93 2.07 -17.50 -11.23
CA VAL B 93 3.08 -17.71 -10.19
C VAL B 93 2.54 -18.78 -9.24
N TYR B 94 3.32 -19.85 -9.05
CA TYR B 94 2.91 -20.99 -8.21
C TYR B 94 3.16 -20.68 -6.76
N TRP B 95 2.29 -21.21 -5.90
CA TRP B 95 2.54 -21.16 -4.48
C TRP B 95 3.65 -22.15 -4.19
N ASP B 96 4.67 -21.69 -3.47
CA ASP B 96 5.77 -22.48 -3.00
C ASP B 96 5.72 -22.34 -1.50
N ARG B 97 5.41 -23.43 -0.79
CA ARG B 97 5.29 -23.39 0.67
C ARG B 97 6.58 -22.93 1.40
N ASP B 98 7.71 -22.94 0.72
CA ASP B 98 8.97 -22.50 1.30
C ASP B 98 9.21 -20.97 1.21
N MET B 99 8.24 -20.23 0.68
CA MET B 99 8.41 -18.80 0.38
C MET B 99 7.19 -18.02 0.80
N SER C 1 -10.34 14.04 8.40
CA SER C 1 -11.27 14.89 7.64
C SER C 1 -10.45 15.48 6.49
N GLN C 2 -10.83 15.21 5.25
CA GLN C 2 -9.92 15.45 4.13
C GLN C 2 -10.00 16.88 3.60
N LEU C 3 -8.92 17.26 2.92
CA LEU C 3 -8.79 18.52 2.22
C LEU C 3 -9.77 18.63 1.05
N LYS C 4 -10.46 19.78 0.98
CA LYS C 4 -11.14 20.24 -0.22
C LYS C 4 -10.14 21.06 -1.01
N ASN C 5 -9.89 20.66 -2.26
CA ASN C 5 -8.88 21.33 -3.06
C ASN C 5 -9.29 22.76 -3.40
N ASN C 6 -8.29 23.59 -3.64
CA ASN C 6 -8.55 24.97 -4.08
C ASN C 6 -9.43 24.95 -5.31
N ALA C 7 -10.33 25.93 -5.41
CA ALA C 7 -11.21 26.01 -6.58
C ALA C 7 -10.45 25.88 -7.91
N LYS C 8 -9.13 26.15 -7.90
CA LYS C 8 -8.31 26.06 -9.10
C LYS C 8 -7.83 24.64 -9.44
N GLU C 9 -8.27 24.17 -10.60
CA GLU C 9 -7.99 22.83 -11.09
C GLU C 9 -6.63 22.79 -11.75
N ILE C 10 -6.14 21.58 -12.03
CA ILE C 10 -4.86 21.39 -12.72
C ILE C 10 -4.74 22.27 -13.98
#